data_4FZA
#
_entry.id   4FZA
#
_cell.length_a   237.583
_cell.length_b   237.583
_cell.length_c   237.583
_cell.angle_alpha   90.00
_cell.angle_beta   90.00
_cell.angle_gamma   90.00
#
_symmetry.space_group_name_H-M   'I 4 3 2'
#
loop_
_entity.id
_entity.type
_entity.pdbx_description
1 polymer 'Calcium-binding protein 39'
2 polymer 'Serine/threonine-protein kinase MST4'
3 non-polymer GLYCEROL
4 water water
#
loop_
_entity_poly.entity_id
_entity_poly.type
_entity_poly.pdbx_seq_one_letter_code
_entity_poly.pdbx_strand_id
1 'polypeptide(L)'
;GAMASPADIVKNLKESMAVLEKQDISDKKAEKATEEVSKNLVAMKEILYGTNEKEPQTEAVAQLAQELYNSGLLSTLVAD
LQLIDFEGKKDVAQIFNNILRRQIGTRTPTVEYICTQQNILFMLLKGYESPEIALNCGIMLRECIRHEPLAKIILWSEQF
YDFFRYVEMSTFDIASDAFATFKDLLTRHKLLSAEFLEQHYDRFFSEYEKLLHSENYVTKRQSLKLLGELLLDRHNFTIM
TKYISKPENLKLMMNLLRDKSRNIQFEAFHVFKVFVANPNKTQPILDILLKNQAKLIEFLSKFQNDRTEDEQFNDEKTYL
VKQIRDLK
;
A
2 'polypeptide(L)'
;GAMADPEELFTKLERIGKGSFGEVFKGIDNRTQQVVAIKIIDLEEAEDEIEDIQQEITVLSQCDSSYVTKYYGSYLKGSK
LWIIMEYLGGGSALDLLRAGPFDEFQIATMLKEILKGLDYLHSEKKIHRDIKAANVLLSEQGDVKLAAFGVAGQLTDTQI
KRNTFVGTPFWMAPEVIQQSAYDSKADIWSLGITAIELAKGEPPNSDMHPMRVLFLIPKNNPPTLVGDFTKSFKEFIDAC
LNKDPSFRPTAKELLKHKFIVKNSKKTSYLTELIDRFKRWKAE
;
B
#
# COMPACT_ATOMS: atom_id res chain seq x y z
N ALA A 4 -29.47 -1.26 -19.91
CA ALA A 4 -30.36 -0.13 -19.50
C ALA A 4 -31.35 -0.57 -18.42
N SER A 5 -30.81 -1.02 -17.28
CA SER A 5 -31.61 -1.45 -16.11
C SER A 5 -30.81 -1.39 -14.78
N PRO A 6 -31.36 -0.70 -13.76
CA PRO A 6 -30.69 -0.55 -12.45
C PRO A 6 -31.32 -1.34 -11.30
N ALA A 7 -32.02 -2.43 -11.64
CA ALA A 7 -32.75 -3.26 -10.67
C ALA A 7 -32.88 -4.71 -11.15
N ASP A 8 -31.94 -5.13 -12.00
CA ASP A 8 -31.96 -6.47 -12.58
C ASP A 8 -30.65 -7.17 -12.31
N ILE A 9 -29.59 -6.38 -12.15
CA ILE A 9 -28.24 -6.90 -11.92
C ILE A 9 -28.22 -7.79 -10.66
N VAL A 10 -29.02 -7.40 -9.66
CA VAL A 10 -29.18 -8.17 -8.41
C VAL A 10 -29.90 -9.49 -8.69
N LYS A 11 -30.91 -9.43 -9.54
CA LYS A 11 -31.72 -10.60 -9.90
C LYS A 11 -30.94 -11.46 -10.89
N ASN A 12 -29.73 -11.01 -11.21
CA ASN A 12 -28.82 -11.75 -12.08
C ASN A 12 -27.58 -12.30 -11.35
N LEU A 13 -27.27 -11.74 -10.17
CA LEU A 13 -26.22 -12.29 -9.31
C LEU A 13 -26.75 -13.29 -8.27
N LYS A 14 -27.84 -12.95 -7.60
CA LYS A 14 -28.53 -13.92 -6.74
C LYS A 14 -28.89 -15.14 -7.61
N GLU A 15 -28.59 -15.00 -8.90
CA GLU A 15 -28.69 -16.06 -9.89
C GLU A 15 -27.30 -16.64 -10.18
N SER A 16 -26.46 -15.88 -10.87
CA SER A 16 -25.15 -16.35 -11.35
C SER A 16 -24.14 -16.62 -10.24
N MET A 17 -24.27 -15.92 -9.13
CA MET A 17 -23.44 -16.16 -7.94
C MET A 17 -23.92 -17.39 -7.19
N ALA A 18 -25.24 -17.58 -7.15
CA ALA A 18 -25.82 -18.79 -6.55
C ALA A 18 -25.35 -20.03 -7.31
N VAL A 19 -25.17 -19.88 -8.62
CA VAL A 19 -24.67 -20.95 -9.51
C VAL A 19 -23.31 -21.53 -9.07
N LEU A 20 -22.41 -20.64 -8.64
CA LEU A 20 -21.00 -20.99 -8.43
C LEU A 20 -20.70 -21.98 -7.29
N GLU A 21 -21.62 -22.10 -6.34
CA GLU A 21 -21.57 -23.20 -5.38
C GLU A 21 -22.72 -24.14 -5.70
N LYS A 22 -22.47 -25.45 -5.82
CA LYS A 22 -21.14 -26.06 -5.70
C LYS A 22 -20.42 -26.09 -7.05
N GLN A 23 -20.82 -27.01 -7.91
CA GLN A 23 -20.28 -27.20 -9.28
C GLN A 23 -18.81 -27.67 -9.36
N ASP A 24 -18.58 -28.62 -10.27
CA ASP A 24 -17.24 -29.15 -10.61
C ASP A 24 -16.40 -28.09 -11.35
N ILE A 25 -15.08 -28.31 -11.44
CA ILE A 25 -14.21 -27.44 -12.27
C ILE A 25 -14.54 -27.61 -13.78
N SER A 26 -15.55 -28.44 -14.04
CA SER A 26 -16.16 -28.66 -15.37
C SER A 26 -16.39 -27.36 -16.15
N ASP A 27 -16.32 -27.48 -17.48
CA ASP A 27 -16.53 -26.35 -18.41
C ASP A 27 -17.89 -25.69 -18.22
N LYS A 28 -18.89 -26.50 -17.90
CA LYS A 28 -20.30 -26.09 -17.76
C LYS A 28 -20.54 -24.78 -16.99
N LYS A 29 -19.68 -24.50 -16.02
CA LYS A 29 -19.76 -23.26 -15.25
C LYS A 29 -18.39 -22.61 -15.05
N ALA A 30 -17.35 -23.28 -15.57
CA ALA A 30 -15.97 -22.81 -15.45
C ALA A 30 -15.79 -21.40 -16.02
N GLU A 31 -16.18 -21.21 -17.28
CA GLU A 31 -16.03 -19.92 -17.95
C GLU A 31 -17.27 -19.05 -17.80
N LYS A 32 -18.35 -19.44 -18.50
CA LYS A 32 -19.59 -18.65 -18.54
C LYS A 32 -20.09 -18.18 -17.16
N ALA A 33 -20.32 -19.13 -16.25
CA ALA A 33 -20.97 -18.82 -14.98
C ALA A 33 -20.19 -17.86 -14.08
N THR A 34 -18.87 -17.98 -14.09
CA THR A 34 -18.01 -17.11 -13.27
C THR A 34 -17.82 -15.74 -13.91
N GLU A 35 -17.75 -15.71 -15.23
CA GLU A 35 -17.54 -14.48 -15.99
C GLU A 35 -18.81 -13.62 -16.04
N GLU A 36 -19.97 -14.27 -16.04
CA GLU A 36 -21.26 -13.59 -15.83
C GLU A 36 -21.23 -12.78 -14.54
N VAL A 37 -20.73 -13.42 -13.47
CA VAL A 37 -20.59 -12.78 -12.17
C VAL A 37 -19.75 -11.50 -12.25
N SER A 38 -18.57 -11.61 -12.84
CA SER A 38 -17.67 -10.46 -12.99
C SER A 38 -18.29 -9.30 -13.78
N LYS A 39 -19.00 -9.63 -14.86
CA LYS A 39 -19.70 -8.62 -15.68
C LYS A 39 -20.85 -7.91 -14.95
N ASN A 40 -21.47 -8.61 -14.01
CA ASN A 40 -22.50 -8.04 -13.15
C ASN A 40 -21.93 -7.02 -12.19
N LEU A 41 -20.85 -7.42 -11.53
CA LEU A 41 -20.18 -6.59 -10.54
C LEU A 41 -19.64 -5.29 -11.13
N VAL A 42 -19.36 -5.29 -12.43
CA VAL A 42 -18.86 -4.10 -13.13
C VAL A 42 -20.02 -3.14 -13.45
N ALA A 43 -21.13 -3.69 -13.95
CA ALA A 43 -22.34 -2.90 -14.23
C ALA A 43 -23.00 -2.38 -12.95
N MET A 44 -22.81 -3.11 -11.85
CA MET A 44 -23.32 -2.73 -10.54
C MET A 44 -22.55 -1.56 -9.94
N LYS A 45 -21.22 -1.70 -9.94
CA LYS A 45 -20.31 -0.63 -9.51
C LYS A 45 -20.52 0.64 -10.35
N GLU A 46 -20.97 0.45 -11.59
CA GLU A 46 -21.27 1.57 -12.48
C GLU A 46 -22.48 2.38 -12.02
N ILE A 47 -23.55 1.71 -11.62
CA ILE A 47 -24.73 2.40 -11.08
C ILE A 47 -24.34 3.26 -9.87
N LEU A 48 -23.19 2.92 -9.28
CA LEU A 48 -22.70 3.54 -8.06
C LEU A 48 -21.64 4.64 -8.32
N TYR A 49 -20.76 4.40 -9.30
CA TYR A 49 -19.69 5.34 -9.65
C TYR A 49 -19.84 5.95 -11.05
N GLY A 50 -19.63 7.26 -11.15
CA GLY A 50 -19.79 7.99 -12.40
C GLY A 50 -18.71 7.71 -13.41
N ASN A 52 -19.54 5.12 -17.01
CA ASN A 52 -18.27 5.67 -17.48
C ASN A 52 -18.32 7.19 -17.66
N GLU A 53 -19.18 7.64 -18.58
CA GLU A 53 -19.40 9.07 -18.83
C GLU A 53 -20.79 9.45 -18.30
N LYS A 54 -21.22 8.77 -17.24
CA LYS A 54 -22.52 8.99 -16.61
C LYS A 54 -22.39 9.63 -15.23
N GLU A 55 -23.53 9.87 -14.60
CA GLU A 55 -23.60 10.41 -13.23
C GLU A 55 -24.14 9.35 -12.26
N PRO A 56 -23.82 9.48 -10.95
CA PRO A 56 -24.50 8.65 -9.96
C PRO A 56 -26.00 9.01 -9.89
N GLN A 57 -26.83 8.25 -10.62
CA GLN A 57 -28.27 8.53 -10.71
C GLN A 57 -29.07 8.08 -9.47
N THR A 58 -29.45 9.05 -8.64
CA THR A 58 -29.96 8.81 -7.28
C THR A 58 -31.16 7.85 -7.18
N GLU A 59 -32.17 8.05 -8.03
CA GLU A 59 -33.36 7.20 -8.00
C GLU A 59 -33.01 5.71 -8.14
N ALA A 60 -32.01 5.42 -8.97
CA ALA A 60 -31.53 4.07 -9.22
C ALA A 60 -30.71 3.54 -8.05
N VAL A 61 -30.09 4.45 -7.31
CA VAL A 61 -29.27 4.09 -6.13
C VAL A 61 -30.15 3.62 -4.97
N ALA A 62 -31.30 4.26 -4.79
CA ALA A 62 -32.28 3.85 -3.78
C ALA A 62 -32.82 2.45 -4.07
N GLN A 63 -33.14 2.20 -5.35
CA GLN A 63 -33.60 0.90 -5.81
C GLN A 63 -32.51 -0.15 -5.61
N LEU A 64 -31.28 0.23 -5.96
CA LEU A 64 -30.12 -0.65 -5.84
C LEU A 64 -29.96 -1.19 -4.43
N ALA A 65 -30.09 -0.30 -3.43
CA ALA A 65 -29.90 -0.67 -2.02
C ALA A 65 -30.99 -1.63 -1.52
N GLN A 66 -32.25 -1.23 -1.64
CA GLN A 66 -33.37 -2.05 -1.16
C GLN A 66 -33.58 -3.30 -2.03
N GLU A 67 -32.55 -3.65 -2.79
CA GLU A 67 -32.53 -4.89 -3.56
C GLU A 67 -31.57 -5.91 -2.98
N LEU A 68 -30.59 -5.44 -2.22
CA LEU A 68 -29.52 -6.30 -1.70
C LEU A 68 -29.89 -6.98 -0.39
N TYR A 69 -30.76 -6.31 0.39
CA TYR A 69 -31.33 -6.90 1.60
C TYR A 69 -32.27 -8.04 1.22
N ASN A 70 -32.24 -8.39 -0.07
CA ASN A 70 -32.99 -9.50 -0.65
C ASN A 70 -32.04 -10.61 -1.16
N SER A 71 -31.89 -11.68 -0.40
CA SER A 71 -32.36 -11.74 0.98
C SER A 71 -31.12 -11.67 1.87
N GLY A 72 -30.21 -12.60 1.64
CA GLY A 72 -28.89 -12.57 2.26
C GLY A 72 -27.84 -12.67 1.18
N LEU A 73 -28.07 -11.98 0.05
CA LEU A 73 -27.14 -11.99 -1.09
C LEU A 73 -25.69 -11.78 -0.63
N LEU A 74 -25.50 -10.88 0.33
CA LEU A 74 -24.17 -10.54 0.80
C LEU A 74 -23.56 -11.63 1.66
N SER A 75 -24.37 -12.27 2.51
CA SER A 75 -23.87 -13.37 3.35
C SER A 75 -23.09 -14.44 2.56
N THR A 76 -23.80 -15.20 1.72
CA THR A 76 -23.16 -16.24 0.88
C THR A 76 -22.16 -15.67 -0.16
N LEU A 77 -22.32 -14.40 -0.54
CA LEU A 77 -21.35 -13.73 -1.40
C LEU A 77 -20.01 -13.69 -0.65
N VAL A 78 -19.99 -13.02 0.49
CA VAL A 78 -18.82 -12.94 1.36
C VAL A 78 -18.28 -14.32 1.74
N ALA A 79 -19.18 -15.28 2.01
CA ALA A 79 -18.76 -16.66 2.27
C ALA A 79 -18.05 -17.25 1.04
N ASP A 80 -18.82 -17.56 0.00
CA ASP A 80 -18.28 -18.21 -1.20
C ASP A 80 -17.44 -17.27 -2.11
N LEU A 81 -16.82 -16.27 -1.49
CA LEU A 81 -16.03 -15.26 -2.21
C LEU A 81 -14.73 -15.80 -2.78
N GLN A 82 -14.06 -16.68 -2.02
CA GLN A 82 -12.76 -17.26 -2.42
C GLN A 82 -12.71 -17.81 -3.86
N LEU A 83 -13.88 -17.99 -4.47
CA LEU A 83 -13.98 -18.41 -5.87
C LEU A 83 -14.58 -17.28 -6.73
N ILE A 84 -13.88 -16.15 -6.77
CA ILE A 84 -14.24 -15.04 -7.64
C ILE A 84 -13.00 -14.51 -8.36
N ASP A 85 -13.21 -14.15 -9.63
CA ASP A 85 -12.31 -13.30 -10.39
C ASP A 85 -11.54 -12.31 -9.50
N PHE A 86 -10.22 -12.22 -9.69
CA PHE A 86 -9.36 -11.32 -8.90
C PHE A 86 -9.84 -9.87 -8.94
N GLU A 87 -10.11 -9.37 -10.15
CA GLU A 87 -10.66 -8.02 -10.31
C GLU A 87 -12.11 -7.95 -9.82
N GLY A 88 -12.80 -9.10 -9.79
CA GLY A 88 -14.14 -9.22 -9.22
C GLY A 88 -14.17 -9.06 -7.71
N LYS A 89 -13.17 -9.64 -7.04
CA LYS A 89 -13.01 -9.48 -5.61
C LYS A 89 -12.86 -8.00 -5.28
N LYS A 90 -11.97 -7.33 -6.02
CA LYS A 90 -11.72 -5.91 -5.83
C LYS A 90 -12.96 -5.08 -6.11
N ASP A 91 -13.76 -5.55 -7.06
CA ASP A 91 -15.05 -4.94 -7.38
C ASP A 91 -16.03 -5.07 -6.21
N VAL A 92 -16.21 -6.29 -5.69
CA VAL A 92 -17.06 -6.53 -4.50
C VAL A 92 -16.72 -5.55 -3.38
N ALA A 93 -15.44 -5.48 -3.03
CA ALA A 93 -14.95 -4.54 -2.03
C ALA A 93 -15.50 -3.14 -2.30
N GLN A 94 -15.26 -2.62 -3.51
CA GLN A 94 -15.73 -1.29 -3.92
C GLN A 94 -17.24 -1.14 -3.75
N ILE A 95 -17.98 -2.19 -4.08
CA ILE A 95 -19.44 -2.21 -3.98
C ILE A 95 -19.86 -2.11 -2.52
N PHE A 96 -19.49 -3.12 -1.75
CA PHE A 96 -19.76 -3.20 -0.32
C PHE A 96 -19.44 -1.88 0.39
N ASN A 97 -18.27 -1.33 0.11
CA ASN A 97 -17.74 -0.16 0.83
C ASN A 97 -18.48 1.15 0.64
N ASN A 98 -19.26 1.28 -0.44
CA ASN A 98 -19.98 2.53 -0.68
C ASN A 98 -21.46 2.49 -0.29
N ILE A 99 -22.11 1.34 -0.48
CA ILE A 99 -23.48 1.15 0.01
C ILE A 99 -23.50 1.19 1.54
N LEU A 100 -22.37 0.79 2.14
CA LEU A 100 -22.16 0.86 3.57
C LEU A 100 -22.33 2.28 4.09
N ARG A 101 -21.71 3.25 3.42
CA ARG A 101 -21.84 4.65 3.81
C ARG A 101 -23.02 5.40 3.15
N ARG A 102 -24.05 4.66 2.74
CA ARG A 102 -25.31 5.30 2.29
C ARG A 102 -25.98 6.04 3.44
N GLN A 103 -26.78 7.05 3.11
CA GLN A 103 -27.45 7.87 4.13
C GLN A 103 -28.86 8.37 3.78
N ILE A 104 -29.77 8.17 4.71
CA ILE A 104 -31.13 8.73 4.67
C ILE A 104 -31.40 9.39 6.04
N GLY A 105 -31.72 10.68 6.02
CA GLY A 105 -31.70 11.51 7.22
C GLY A 105 -30.24 11.66 7.62
N THR A 106 -29.96 11.63 8.93
CA THR A 106 -28.58 11.51 9.40
C THR A 106 -28.30 10.05 9.80
N ARG A 107 -29.06 9.14 9.18
CA ARG A 107 -29.11 7.73 9.55
C ARG A 107 -28.52 6.84 8.43
N THR A 108 -27.67 5.89 8.81
CA THR A 108 -27.03 4.95 7.86
C THR A 108 -27.75 3.60 7.80
N PRO A 109 -28.59 3.39 6.77
CA PRO A 109 -29.49 2.22 6.68
C PRO A 109 -28.76 0.88 6.56
N THR A 110 -27.63 0.87 5.86
CA THR A 110 -26.83 -0.33 5.71
C THR A 110 -26.41 -0.85 7.08
N VAL A 111 -25.78 0.01 7.87
CA VAL A 111 -25.28 -0.29 9.21
C VAL A 111 -26.32 -1.03 10.06
N GLU A 112 -27.55 -0.51 10.04
CA GLU A 112 -28.67 -1.08 10.80
C GLU A 112 -29.05 -2.48 10.32
N TYR A 113 -29.24 -2.63 9.01
CA TYR A 113 -29.61 -3.91 8.43
C TYR A 113 -28.42 -4.88 8.32
N ILE A 114 -27.39 -4.63 9.13
CA ILE A 114 -26.29 -5.55 9.32
C ILE A 114 -26.24 -5.96 10.79
N CYS A 115 -26.76 -5.08 11.65
CA CYS A 115 -26.86 -5.36 13.09
C CYS A 115 -27.78 -6.55 13.37
N THR A 116 -28.55 -6.94 12.37
CA THR A 116 -29.25 -8.22 12.37
C THR A 116 -28.32 -9.29 11.84
N GLN A 117 -27.81 -9.06 10.61
CA GLN A 117 -26.87 -9.98 9.95
C GLN A 117 -25.52 -9.90 10.64
N GLN A 118 -25.48 -10.35 11.90
CA GLN A 118 -24.31 -10.25 12.74
C GLN A 118 -23.14 -11.13 12.28
N ASN A 119 -23.43 -12.16 11.49
CA ASN A 119 -22.38 -13.08 11.05
C ASN A 119 -21.53 -12.56 9.89
N ILE A 120 -22.10 -11.68 9.06
CA ILE A 120 -21.35 -11.08 7.95
C ILE A 120 -19.96 -10.68 8.43
N LEU A 121 -19.91 -10.05 9.59
CA LEU A 121 -18.68 -9.54 10.19
C LEU A 121 -17.66 -10.65 10.50
N PHE A 122 -18.11 -11.74 11.11
CA PHE A 122 -17.19 -12.79 11.53
C PHE A 122 -16.66 -13.63 10.38
N MET A 123 -17.47 -13.78 9.33
CA MET A 123 -17.01 -14.31 8.06
C MET A 123 -15.81 -13.49 7.57
N LEU A 124 -16.01 -12.18 7.47
CA LEU A 124 -14.98 -11.25 7.06
C LEU A 124 -13.68 -11.37 7.86
N LEU A 125 -13.80 -11.51 9.19
CA LEU A 125 -12.62 -11.70 10.02
C LEU A 125 -12.03 -13.11 9.87
N LYS A 126 -12.88 -14.10 9.58
CA LYS A 126 -12.39 -15.46 9.34
C LYS A 126 -11.64 -15.52 8.02
N GLY A 127 -11.81 -14.50 7.20
CA GLY A 127 -11.10 -14.36 5.93
C GLY A 127 -9.60 -14.36 6.11
N TYR A 128 -9.15 -13.94 7.30
CA TYR A 128 -7.73 -13.85 7.60
C TYR A 128 -6.99 -15.19 7.57
N GLU A 129 -7.75 -16.28 7.58
CA GLU A 129 -7.16 -17.63 7.47
C GLU A 129 -6.96 -18.10 6.03
N SER A 130 -7.69 -17.52 5.10
CA SER A 130 -7.56 -17.87 3.69
C SER A 130 -6.81 -16.79 2.91
N PRO A 131 -5.53 -17.02 2.60
CA PRO A 131 -4.65 -15.98 2.05
C PRO A 131 -5.11 -15.38 0.72
N GLU A 132 -5.92 -16.12 -0.02
CA GLU A 132 -6.43 -15.69 -1.32
C GLU A 132 -7.59 -14.66 -1.21
N ILE A 133 -8.07 -14.44 0.02
CA ILE A 133 -9.14 -13.48 0.25
C ILE A 133 -8.87 -12.49 1.39
N ALA A 134 -7.93 -12.85 2.27
CA ALA A 134 -7.71 -12.13 3.52
C ALA A 134 -7.67 -10.63 3.34
N LEU A 135 -6.96 -10.19 2.30
CA LEU A 135 -6.69 -8.77 2.12
C LEU A 135 -7.93 -7.99 1.71
N ASN A 136 -8.63 -8.47 0.69
CA ASN A 136 -9.95 -7.94 0.33
C ASN A 136 -10.80 -7.76 1.58
N CYS A 137 -10.91 -8.84 2.36
CA CYS A 137 -11.72 -8.90 3.58
C CYS A 137 -11.30 -7.87 4.61
N GLY A 138 -10.00 -7.60 4.68
CA GLY A 138 -9.48 -6.53 5.50
C GLY A 138 -10.06 -5.21 5.05
N ILE A 139 -9.86 -4.91 3.76
CA ILE A 139 -10.36 -3.67 3.16
C ILE A 139 -11.84 -3.45 3.52
N MET A 140 -12.64 -4.49 3.41
CA MET A 140 -14.07 -4.42 3.73
C MET A 140 -14.33 -4.22 5.22
N LEU A 141 -13.73 -5.07 6.04
CA LEU A 141 -13.91 -5.00 7.48
C LEU A 141 -13.58 -3.62 8.04
N ARG A 142 -12.37 -3.14 7.74
CA ARG A 142 -11.93 -1.80 8.19
C ARG A 142 -12.93 -0.69 7.84
N GLU A 143 -13.60 -0.86 6.71
CA GLU A 143 -14.63 0.06 6.27
C GLU A 143 -15.92 0.02 7.10
N CYS A 144 -16.19 -1.10 7.77
CA CYS A 144 -17.37 -1.19 8.64
C CYS A 144 -17.10 -0.94 10.11
N ILE A 145 -15.96 -1.38 10.62
CA ILE A 145 -15.52 -1.04 11.98
C ILE A 145 -15.27 0.47 12.07
N ARG A 146 -15.57 1.12 10.95
CA ARG A 146 -15.41 2.55 10.76
C ARG A 146 -16.66 3.27 11.26
N HIS A 147 -17.75 2.52 11.37
CA HIS A 147 -19.02 2.99 11.94
C HIS A 147 -19.16 2.44 13.33
N GLU A 148 -19.44 3.32 14.29
CA GLU A 148 -19.48 2.97 15.72
C GLU A 148 -20.22 1.66 16.10
N PRO A 149 -21.51 1.51 15.71
CA PRO A 149 -22.27 0.31 16.13
C PRO A 149 -21.65 -1.02 15.71
N LEU A 150 -20.81 -0.97 14.68
CA LEU A 150 -20.21 -2.15 14.08
C LEU A 150 -18.96 -2.59 14.84
N ALA A 151 -18.08 -1.63 15.12
CA ALA A 151 -16.93 -1.89 15.98
C ALA A 151 -17.35 -2.54 17.31
N LYS A 152 -18.43 -2.04 17.92
CA LYS A 152 -18.97 -2.59 19.16
C LYS A 152 -19.11 -4.12 19.11
N ILE A 153 -19.47 -4.63 17.95
CA ILE A 153 -19.79 -6.06 17.77
C ILE A 153 -18.53 -6.92 17.92
N ILE A 154 -17.50 -6.60 17.13
CA ILE A 154 -16.27 -7.39 17.11
C ILE A 154 -15.47 -7.23 18.40
N LEU A 155 -15.58 -6.06 19.01
CA LEU A 155 -14.80 -5.77 20.19
C LEU A 155 -15.21 -6.66 21.35
N TRP A 156 -16.52 -6.70 21.63
CA TRP A 156 -17.01 -7.54 22.72
C TRP A 156 -17.19 -8.99 22.33
N SER A 157 -16.66 -9.35 21.17
CA SER A 157 -16.71 -10.72 20.64
C SER A 157 -15.69 -11.65 21.27
N GLU A 158 -15.99 -12.94 21.21
CA GLU A 158 -15.04 -13.98 21.52
C GLU A 158 -14.04 -14.07 20.36
N GLN A 159 -14.56 -13.81 19.16
CA GLN A 159 -13.79 -13.84 17.93
C GLN A 159 -12.78 -12.69 17.86
N PHE A 160 -12.88 -11.73 18.77
CA PHE A 160 -11.91 -10.66 18.82
C PHE A 160 -10.48 -11.15 19.08
N TYR A 161 -10.33 -12.05 20.03
CA TYR A 161 -9.02 -12.51 20.46
C TYR A 161 -8.34 -13.46 19.46
N ASP A 162 -8.95 -13.63 18.30
CA ASP A 162 -8.33 -14.38 17.23
C ASP A 162 -7.27 -13.54 16.54
N PHE A 163 -7.35 -12.22 16.73
CA PHE A 163 -6.40 -11.29 16.15
C PHE A 163 -4.97 -11.60 16.54
N PHE A 164 -4.78 -11.99 17.81
CA PHE A 164 -3.43 -12.26 18.32
C PHE A 164 -2.73 -13.40 17.58
N ARG A 165 -3.49 -14.23 16.89
CA ARG A 165 -2.90 -15.25 16.03
C ARG A 165 -2.79 -14.76 14.59
N TYR A 166 -3.83 -14.04 14.13
CA TYR A 166 -3.86 -13.44 12.80
C TYR A 166 -2.73 -12.43 12.62
N VAL A 167 -2.33 -11.79 13.71
CA VAL A 167 -1.25 -10.81 13.69
C VAL A 167 0.11 -11.49 13.64
N GLU A 168 0.20 -12.67 14.24
CA GLU A 168 1.44 -13.43 14.26
C GLU A 168 1.57 -14.33 13.04
N MET A 169 0.53 -14.36 12.20
CA MET A 169 0.44 -15.22 11.00
C MET A 169 1.69 -15.35 10.15
N SER A 170 1.75 -16.46 9.40
CA SER A 170 2.84 -16.76 8.47
C SER A 170 3.22 -15.58 7.57
N THR A 171 2.46 -15.35 6.49
CA THR A 171 2.84 -14.34 5.49
C THR A 171 2.76 -12.93 6.07
N PHE A 172 3.85 -12.21 5.92
CA PHE A 172 4.04 -10.91 6.54
C PHE A 172 3.01 -9.86 6.07
N ASP A 173 2.69 -9.87 4.77
CA ASP A 173 1.65 -9.00 4.21
C ASP A 173 0.34 -9.09 4.97
N ILE A 174 -0.14 -10.31 5.17
CA ILE A 174 -1.41 -10.55 5.86
C ILE A 174 -1.30 -10.29 7.36
N ALA A 175 -0.19 -10.70 7.97
CA ALA A 175 0.06 -10.38 9.36
C ALA A 175 -0.08 -8.86 9.52
N SER A 176 0.48 -8.13 8.57
CA SER A 176 0.40 -6.68 8.58
C SER A 176 -1.04 -6.18 8.52
N ASP A 177 -1.74 -6.54 7.44
CA ASP A 177 -3.11 -6.12 7.24
C ASP A 177 -3.96 -6.42 8.46
N ALA A 178 -3.73 -7.59 9.07
CA ALA A 178 -4.43 -7.97 10.30
C ALA A 178 -4.17 -6.93 11.37
N PHE A 179 -2.91 -6.77 11.75
CA PHE A 179 -2.52 -5.74 12.70
C PHE A 179 -3.15 -4.36 12.45
N ALA A 180 -3.28 -3.99 11.17
CA ALA A 180 -3.93 -2.74 10.79
C ALA A 180 -5.36 -2.66 11.33
N THR A 181 -6.10 -3.74 11.18
CA THR A 181 -7.48 -3.79 11.63
C THR A 181 -7.50 -3.81 13.15
N PHE A 182 -6.71 -4.69 13.70
CA PHE A 182 -6.54 -4.78 15.15
C PHE A 182 -6.37 -3.37 15.72
N LYS A 183 -5.44 -2.61 15.14
CA LYS A 183 -5.11 -1.26 15.55
C LYS A 183 -6.31 -0.32 15.42
N ASP A 184 -6.88 -0.30 14.23
CA ASP A 184 -7.98 0.58 13.89
C ASP A 184 -9.20 0.34 14.77
N LEU A 185 -9.32 -0.88 15.29
CA LEU A 185 -10.36 -1.21 16.24
C LEU A 185 -10.16 -0.48 17.56
N LEU A 186 -8.96 -0.66 18.11
CA LEU A 186 -8.59 -0.14 19.42
C LEU A 186 -8.38 1.35 19.46
N THR A 187 -8.20 1.99 18.29
CA THR A 187 -7.93 3.43 18.27
C THR A 187 -9.09 4.31 17.81
N ARG A 188 -9.71 3.95 16.68
CA ARG A 188 -10.76 4.77 16.05
C ARG A 188 -11.83 5.35 16.99
N HIS A 189 -12.72 4.50 17.51
CA HIS A 189 -13.80 4.98 18.35
C HIS A 189 -13.32 5.08 19.75
N LYS A 190 -12.93 6.30 20.13
CA LYS A 190 -12.20 6.55 21.38
C LYS A 190 -12.97 6.17 22.64
N LEU A 191 -14.18 6.70 22.79
CA LEU A 191 -15.03 6.43 23.97
C LEU A 191 -15.39 4.94 24.10
N LEU A 192 -15.63 4.31 22.96
CA LEU A 192 -15.96 2.89 22.88
C LEU A 192 -14.78 2.00 23.27
N SER A 193 -13.61 2.31 22.72
CA SER A 193 -12.41 1.51 22.96
C SER A 193 -11.98 1.52 24.41
N ALA A 194 -12.03 2.70 25.03
CA ALA A 194 -11.69 2.87 26.45
C ALA A 194 -12.64 2.09 27.36
N GLU A 195 -13.87 1.91 26.88
CA GLU A 195 -14.85 1.07 27.57
C GLU A 195 -14.37 -0.39 27.57
N PHE A 196 -13.97 -0.87 26.39
CA PHE A 196 -13.56 -2.26 26.21
C PHE A 196 -12.39 -2.63 27.10
N LEU A 197 -11.39 -1.76 27.14
CA LEU A 197 -10.12 -2.04 27.80
C LEU A 197 -10.26 -2.08 29.33
N GLU A 198 -11.17 -1.28 29.87
CA GLU A 198 -11.46 -1.30 31.28
C GLU A 198 -12.00 -2.67 31.68
N GLN A 199 -13.04 -3.13 30.98
CA GLN A 199 -13.74 -4.36 31.31
C GLN A 199 -12.93 -5.63 31.05
N HIS A 200 -12.20 -5.69 29.94
CA HIS A 200 -11.44 -6.89 29.63
C HIS A 200 -9.97 -6.77 29.91
N TYR A 201 -9.58 -5.83 30.77
CA TYR A 201 -8.16 -5.56 31.03
C TYR A 201 -7.34 -6.85 31.13
N ASP A 202 -7.66 -7.67 32.13
CA ASP A 202 -6.89 -8.87 32.45
C ASP A 202 -6.57 -9.72 31.22
N ARG A 203 -7.62 -10.14 30.51
CA ARG A 203 -7.44 -11.02 29.35
C ARG A 203 -6.60 -10.34 28.26
N PHE A 204 -7.04 -9.16 27.83
CA PHE A 204 -6.38 -8.42 26.75
C PHE A 204 -4.88 -8.33 26.93
N PHE A 205 -4.44 -7.92 28.11
CA PHE A 205 -3.01 -7.65 28.33
C PHE A 205 -2.15 -8.88 28.52
N SER A 206 -2.77 -10.02 28.83
CA SER A 206 -2.05 -11.29 28.90
C SER A 206 -1.54 -11.63 27.52
N GLU A 207 -2.46 -11.60 26.55
CA GLU A 207 -2.17 -11.84 25.14
C GLU A 207 -1.19 -10.79 24.61
N TYR A 208 -1.53 -9.53 24.80
CA TYR A 208 -0.68 -8.44 24.34
C TYR A 208 0.76 -8.59 24.82
N GLU A 209 0.92 -9.00 26.06
CA GLU A 209 2.24 -9.21 26.65
C GLU A 209 3.03 -10.24 25.85
N LYS A 210 2.32 -11.12 25.15
CA LYS A 210 2.94 -12.15 24.34
C LYS A 210 3.54 -11.53 23.09
N LEU A 211 2.80 -10.59 22.47
CA LEU A 211 3.24 -9.91 21.27
C LEU A 211 4.58 -9.23 21.53
N LEU A 212 4.65 -8.49 22.63
CA LEU A 212 5.86 -7.78 23.06
C LEU A 212 7.02 -8.75 23.21
N HIS A 213 6.69 -10.00 23.52
CA HIS A 213 7.68 -11.07 23.69
C HIS A 213 8.01 -11.81 22.44
N SER A 214 7.12 -11.78 21.46
CA SER A 214 7.32 -12.56 20.26
C SER A 214 8.04 -11.73 19.25
N GLU A 215 9.14 -12.23 18.72
CA GLU A 215 9.77 -11.53 17.60
C GLU A 215 10.33 -12.48 16.54
N ASN A 216 10.06 -12.25 15.25
CA ASN A 216 9.28 -11.14 14.63
C ASN A 216 9.47 -9.66 15.02
N TYR A 217 10.47 -9.05 14.39
CA TYR A 217 10.82 -7.66 14.63
C TYR A 217 9.65 -6.68 14.43
N VAL A 218 8.90 -6.88 13.36
CA VAL A 218 7.81 -5.95 13.04
C VAL A 218 6.64 -6.06 14.02
N THR A 219 6.23 -7.28 14.34
CA THR A 219 5.20 -7.52 15.34
C THR A 219 5.55 -6.85 16.66
N LYS A 220 6.80 -7.09 17.09
CA LYS A 220 7.35 -6.59 18.35
C LYS A 220 7.33 -5.06 18.41
N ARG A 221 7.88 -4.45 17.36
CA ARG A 221 8.00 -2.99 17.28
C ARG A 221 6.63 -2.33 17.22
N GLN A 222 5.80 -2.74 16.27
CA GLN A 222 4.49 -2.13 16.02
C GLN A 222 3.57 -2.15 17.22
N SER A 223 3.59 -3.26 17.96
CA SER A 223 2.72 -3.39 19.12
C SER A 223 3.29 -2.67 20.36
N LEU A 224 4.61 -2.63 20.46
CA LEU A 224 5.25 -1.82 21.50
C LEU A 224 4.89 -0.33 21.30
N LYS A 225 4.87 0.07 20.03
CA LYS A 225 4.53 1.42 19.61
C LYS A 225 3.07 1.71 19.86
N LEU A 226 2.21 0.73 19.55
CA LEU A 226 0.78 0.85 19.75
C LEU A 226 0.46 0.91 21.24
N LEU A 227 1.23 0.20 22.06
CA LEU A 227 1.11 0.33 23.51
C LEU A 227 1.28 1.79 23.96
N GLY A 228 2.40 2.41 23.57
CA GLY A 228 2.61 3.83 23.82
C GLY A 228 1.39 4.67 23.45
N GLU A 229 0.93 4.52 22.22
CA GLU A 229 -0.21 5.26 21.68
C GLU A 229 -1.49 5.05 22.46
N LEU A 230 -1.73 3.82 22.89
CA LEU A 230 -2.89 3.50 23.73
C LEU A 230 -2.73 3.98 25.16
N LEU A 231 -1.48 4.19 25.58
CA LEU A 231 -1.22 4.60 26.96
C LEU A 231 -1.29 6.09 27.19
N LEU A 232 -0.82 6.87 26.20
CA LEU A 232 -0.80 8.33 26.34
C LEU A 232 -2.09 8.97 25.80
N ASP A 233 -3.06 8.15 25.44
CA ASP A 233 -4.28 8.61 24.79
C ASP A 233 -4.99 9.72 25.57
N ARG A 234 -5.12 9.53 26.88
CA ARG A 234 -5.94 10.39 27.75
C ARG A 234 -7.33 9.78 27.92
N HIS A 235 -7.95 9.41 26.81
CA HIS A 235 -9.20 8.65 26.85
C HIS A 235 -8.99 7.38 27.64
N ASN A 236 -7.74 6.95 27.76
CA ASN A 236 -7.40 5.67 28.38
C ASN A 236 -6.72 5.79 29.73
N PHE A 237 -6.88 6.94 30.36
CA PHE A 237 -6.19 7.25 31.62
C PHE A 237 -6.32 6.16 32.69
N THR A 238 -7.54 5.65 32.90
CA THR A 238 -7.80 4.56 33.86
C THR A 238 -6.92 3.35 33.60
N ILE A 239 -6.87 2.96 32.32
CA ILE A 239 -6.19 1.77 31.83
C ILE A 239 -4.67 1.89 32.06
N MET A 240 -4.13 3.07 31.80
CA MET A 240 -2.69 3.28 31.88
C MET A 240 -2.20 3.24 33.33
N THR A 241 -3.01 3.75 34.25
CA THR A 241 -2.65 3.79 35.67
C THR A 241 -2.56 2.36 36.17
N LYS A 242 -3.55 1.56 35.80
CA LYS A 242 -3.54 0.14 36.12
C LYS A 242 -2.27 -0.48 35.53
N TYR A 243 -1.92 -0.06 34.32
CA TYR A 243 -0.81 -0.68 33.62
C TYR A 243 0.56 -0.38 34.24
N ILE A 244 0.82 0.89 34.49
CA ILE A 244 2.12 1.34 35.01
C ILE A 244 2.37 0.93 36.45
N SER A 245 1.40 0.23 37.04
CA SER A 245 1.52 -0.23 38.41
C SER A 245 2.22 -1.58 38.51
N LYS A 246 1.82 -2.56 37.68
CA LYS A 246 2.41 -3.90 37.72
C LYS A 246 3.93 -3.90 37.48
N PRO A 247 4.71 -4.45 38.44
CA PRO A 247 6.17 -4.49 38.28
C PRO A 247 6.62 -5.50 37.21
N GLU A 248 5.70 -6.34 36.74
CA GLU A 248 5.97 -7.19 35.59
C GLU A 248 6.15 -6.34 34.34
N ASN A 249 5.36 -5.28 34.26
CA ASN A 249 5.36 -4.39 33.12
C ASN A 249 6.60 -3.50 33.08
N LEU A 250 7.18 -3.22 34.24
CA LEU A 250 8.40 -2.41 34.27
C LEU A 250 9.63 -3.25 33.96
N LYS A 251 9.61 -4.52 34.38
CA LYS A 251 10.73 -5.42 34.07
C LYS A 251 10.78 -5.72 32.58
N LEU A 252 9.61 -5.71 31.95
CA LEU A 252 9.50 -5.98 30.53
C LEU A 252 10.14 -4.87 29.71
N MET A 253 9.73 -3.63 29.97
CA MET A 253 10.29 -2.45 29.29
C MET A 253 11.79 -2.37 29.53
N MET A 254 12.21 -2.62 30.76
CA MET A 254 13.62 -2.58 31.09
C MET A 254 14.42 -3.48 30.16
N ASN A 255 13.87 -4.66 29.85
CA ASN A 255 14.54 -5.58 28.95
C ASN A 255 14.45 -5.13 27.51
N LEU A 256 13.37 -4.46 27.17
CA LEU A 256 13.22 -3.90 25.83
C LEU A 256 14.22 -2.77 25.60
N LEU A 257 14.43 -1.92 26.59
CA LEU A 257 15.50 -0.92 26.54
C LEU A 257 16.87 -1.54 26.28
N ARG A 258 17.00 -2.81 26.60
CA ARG A 258 18.27 -3.52 26.43
C ARG A 258 18.33 -4.22 25.07
N ASP A 259 17.27 -4.07 24.27
CA ASP A 259 17.09 -4.77 22.98
C ASP A 259 18.25 -4.52 22.02
N LYS A 260 18.41 -5.43 21.05
CA LYS A 260 19.43 -5.27 20.03
C LYS A 260 19.15 -4.07 19.13
N SER A 261 17.87 -3.76 18.95
CA SER A 261 17.44 -2.76 17.98
C SER A 261 17.26 -1.36 18.54
N ARG A 262 17.98 -0.42 17.94
CA ARG A 262 17.91 1.00 18.27
C ARG A 262 16.45 1.44 18.36
N ASN A 263 15.69 1.18 17.29
CA ASN A 263 14.32 1.65 17.22
C ASN A 263 13.36 1.05 18.22
N ILE A 264 13.66 -0.17 18.65
CA ILE A 264 12.81 -0.82 19.64
C ILE A 264 13.05 -0.20 21.01
N GLN A 265 14.32 -0.04 21.36
CA GLN A 265 14.70 0.61 22.62
C GLN A 265 14.05 1.97 22.75
N PHE A 266 14.17 2.75 21.68
CA PHE A 266 13.65 4.10 21.68
C PHE A 266 12.14 4.09 21.92
N GLU A 267 11.47 3.09 21.36
CA GLU A 267 10.04 2.95 21.59
C GLU A 267 9.78 2.55 23.03
N ALA A 268 10.48 1.51 23.48
CA ALA A 268 10.44 1.07 24.87
C ALA A 268 10.58 2.25 25.83
N PHE A 269 11.43 3.20 25.48
CA PHE A 269 11.70 4.36 26.31
C PHE A 269 10.46 5.20 26.59
N HIS A 270 9.67 5.45 25.55
CA HIS A 270 8.49 6.30 25.66
C HIS A 270 7.41 5.72 26.51
N VAL A 271 7.36 4.40 26.55
CA VAL A 271 6.49 3.71 27.49
C VAL A 271 7.12 3.76 28.89
N PHE A 272 8.39 3.34 28.98
CA PHE A 272 9.15 3.31 30.24
C PHE A 272 9.12 4.60 31.04
N LYS A 273 9.27 5.74 30.36
CA LYS A 273 9.29 7.04 31.02
C LYS A 273 8.00 7.34 31.79
N VAL A 274 6.88 6.78 31.34
CA VAL A 274 5.58 7.05 31.97
C VAL A 274 5.48 6.36 33.33
N PHE A 275 6.18 5.23 33.44
CA PHE A 275 6.35 4.51 34.70
C PHE A 275 7.04 5.39 35.74
N VAL A 276 8.18 5.98 35.35
CA VAL A 276 8.96 6.85 36.23
C VAL A 276 8.29 8.23 36.46
N ALA A 277 7.68 8.80 35.43
CA ALA A 277 7.01 10.11 35.55
C ALA A 277 5.77 10.08 36.46
N ASN A 278 5.26 8.88 36.72
CA ASN A 278 4.13 8.65 37.60
C ASN A 278 4.29 9.33 38.97
N PRO A 279 3.42 10.31 39.28
CA PRO A 279 3.45 10.95 40.60
C PRO A 279 3.03 10.00 41.73
N ASN A 280 2.33 8.93 41.38
CA ASN A 280 1.75 8.03 42.36
C ASN A 280 2.23 6.58 42.29
N LYS A 281 3.54 6.41 42.09
CA LYS A 281 4.14 5.08 42.00
C LYS A 281 3.77 4.23 43.21
N THR A 282 3.25 3.04 42.95
CA THR A 282 2.96 2.10 44.02
C THR A 282 4.27 1.44 44.45
N GLN A 283 4.25 0.83 45.63
CA GLN A 283 5.46 0.25 46.21
C GLN A 283 6.30 -0.64 45.26
N PRO A 284 5.69 -1.70 44.69
CA PRO A 284 6.50 -2.63 43.90
C PRO A 284 7.28 -1.97 42.76
N ILE A 285 6.75 -0.87 42.22
CA ILE A 285 7.47 -0.07 41.22
C ILE A 285 8.72 0.55 41.85
N LEU A 286 8.53 1.23 42.98
CA LEU A 286 9.60 1.92 43.69
C LEU A 286 10.71 0.95 44.12
N ASP A 287 10.31 -0.25 44.56
CA ASP A 287 11.26 -1.31 44.92
C ASP A 287 12.19 -1.70 43.79
N ILE A 288 11.60 -1.97 42.62
CA ILE A 288 12.36 -2.42 41.45
C ILE A 288 13.18 -1.27 40.86
N LEU A 289 12.69 -0.04 41.03
CA LEU A 289 13.42 1.16 40.60
C LEU A 289 14.59 1.44 41.52
N LEU A 290 14.34 1.38 42.82
CA LEU A 290 15.37 1.64 43.82
C LEU A 290 16.44 0.56 43.77
N LYS A 291 16.00 -0.70 43.64
CA LYS A 291 16.92 -1.82 43.47
C LYS A 291 17.91 -1.54 42.34
N ASN A 292 17.40 -1.10 41.20
CA ASN A 292 18.23 -0.91 40.01
C ASN A 292 18.75 0.51 39.78
N GLN A 293 18.80 1.27 40.88
CA GLN A 293 19.11 2.70 40.85
C GLN A 293 20.43 3.09 40.17
N ALA A 294 21.56 2.53 40.62
CA ALA A 294 22.88 2.83 40.06
C ALA A 294 22.97 2.53 38.55
N LYS A 295 22.59 1.30 38.19
CA LYS A 295 22.67 0.81 36.81
C LYS A 295 21.76 1.57 35.82
N LEU A 296 20.73 2.25 36.34
CA LEU A 296 19.82 3.05 35.50
C LEU A 296 20.38 4.41 35.13
N ILE A 297 20.81 5.18 36.13
CA ILE A 297 21.54 6.43 35.86
C ILE A 297 22.71 6.15 34.91
N GLU A 298 23.38 5.03 35.17
CA GLU A 298 24.45 4.52 34.34
C GLU A 298 24.03 4.40 32.88
N PHE A 299 22.79 3.94 32.68
CA PHE A 299 22.25 3.59 31.37
C PHE A 299 21.72 4.81 30.63
N LEU A 300 20.83 5.55 31.31
CA LEU A 300 20.21 6.75 30.75
C LEU A 300 21.22 7.82 30.43
N SER A 301 22.32 7.86 31.18
CA SER A 301 23.39 8.79 30.87
C SER A 301 23.87 8.58 29.45
N LYS A 302 24.05 7.32 29.04
CA LYS A 302 24.61 7.04 27.71
C LYS A 302 23.62 6.50 26.67
N PHE A 303 22.32 6.56 27.00
CA PHE A 303 21.25 6.08 26.11
C PHE A 303 21.00 7.01 24.92
N GLN A 304 21.50 6.58 23.76
CA GLN A 304 21.28 7.27 22.48
C GLN A 304 21.56 8.78 22.55
N ASN A 305 22.77 9.18 22.96
CA ASN A 305 23.12 10.60 22.99
C ASN A 305 23.68 11.07 21.68
N ASP A 306 23.13 10.58 20.58
CA ASP A 306 23.49 11.11 19.28
C ASP A 306 22.35 11.95 18.76
N ARG A 307 21.26 12.00 19.52
CA ARG A 307 20.02 12.61 19.07
C ARG A 307 19.88 14.04 19.58
N THR A 308 20.30 15.02 18.74
CA THR A 308 20.34 16.45 19.12
C THR A 308 20.43 17.49 17.97
N GLU A 309 19.33 17.82 17.28
CA GLU A 309 18.03 17.16 17.31
C GLU A 309 17.11 17.33 18.51
N ASP A 310 16.96 16.28 19.33
CA ASP A 310 15.74 16.09 20.10
C ASP A 310 15.74 16.74 21.49
N GLU A 311 15.31 18.00 21.55
CA GLU A 311 15.30 18.74 22.81
C GLU A 311 14.45 17.97 23.82
N GLN A 312 13.27 17.57 23.39
CA GLN A 312 12.33 16.91 24.26
C GLN A 312 12.87 15.59 24.81
N PHE A 313 13.56 14.80 24.00
CA PHE A 313 14.10 13.51 24.46
C PHE A 313 15.17 13.70 25.55
N ASN A 314 16.17 14.54 25.30
CA ASN A 314 17.14 14.86 26.34
C ASN A 314 16.50 15.43 27.61
N ASP A 315 15.47 16.27 27.44
CA ASP A 315 14.70 16.82 28.55
C ASP A 315 14.04 15.72 29.36
N GLU A 316 13.43 14.77 28.66
CA GLU A 316 12.81 13.63 29.30
C GLU A 316 13.87 12.77 29.95
N LYS A 317 15.09 12.86 29.46
CA LYS A 317 16.19 12.06 29.99
C LYS A 317 16.77 12.63 31.28
N THR A 318 17.14 13.92 31.29
CA THR A 318 17.64 14.54 32.54
C THR A 318 16.58 14.47 33.61
N TYR A 319 15.31 14.54 33.20
CA TYR A 319 14.18 14.42 34.10
C TYR A 319 14.11 13.03 34.71
N LEU A 320 14.12 12.00 33.87
CA LEU A 320 14.07 10.62 34.36
C LEU A 320 15.18 10.33 35.35
N VAL A 321 16.40 10.80 35.06
CA VAL A 321 17.56 10.57 35.93
C VAL A 321 17.41 11.25 37.31
N LYS A 322 17.05 12.53 37.30
CA LYS A 322 16.73 13.24 38.53
C LYS A 322 15.84 12.38 39.42
N GLN A 323 14.75 11.87 38.85
CA GLN A 323 13.73 11.11 39.58
C GLN A 323 14.24 9.81 40.19
N ILE A 324 15.12 9.13 39.46
CA ILE A 324 15.68 7.86 39.93
C ILE A 324 16.77 8.10 40.99
N ARG A 325 17.57 9.14 40.78
CA ARG A 325 18.55 9.58 41.76
C ARG A 325 17.87 9.92 43.09
N ASP A 326 16.70 10.55 43.00
CA ASP A 326 15.96 11.07 44.15
C ASP A 326 15.08 10.02 44.84
N LEU A 327 15.70 8.99 45.41
CA LEU A 327 14.98 8.01 46.24
C LEU A 327 15.94 7.05 46.98
N LYS A 328 15.60 6.61 48.20
CA LYS A 328 14.31 6.90 48.83
C LYS A 328 14.42 8.04 49.85
N MET B 3 9.24 -19.22 10.33
CA MET B 3 8.95 -18.05 9.45
C MET B 3 9.34 -18.25 7.97
N ALA B 4 10.03 -19.35 7.65
CA ALA B 4 10.60 -19.62 6.29
C ALA B 4 11.47 -18.48 5.71
N ASP B 5 12.79 -18.64 5.82
CA ASP B 5 13.71 -17.52 5.58
C ASP B 5 14.14 -17.35 4.12
N PRO B 6 14.00 -16.13 3.57
CA PRO B 6 14.15 -15.90 2.14
C PRO B 6 15.55 -16.17 1.64
N GLU B 7 16.53 -16.20 2.54
CA GLU B 7 17.93 -16.36 2.13
C GLU B 7 18.17 -17.76 1.58
N GLU B 8 17.26 -18.67 1.90
CA GLU B 8 17.30 -19.99 1.30
C GLU B 8 16.16 -20.20 0.31
N LEU B 9 15.10 -19.41 0.41
CA LEU B 9 14.07 -19.44 -0.62
C LEU B 9 14.49 -18.79 -1.95
N PHE B 10 15.35 -17.78 -1.89
CA PHE B 10 15.79 -17.07 -3.09
C PHE B 10 17.29 -16.97 -3.20
N THR B 11 17.81 -16.93 -4.41
CA THR B 11 19.22 -16.70 -4.62
C THR B 11 19.40 -15.30 -5.18
N LYS B 12 20.26 -14.50 -4.56
CA LYS B 12 20.55 -13.17 -5.06
C LYS B 12 21.60 -13.25 -6.13
N LEU B 13 21.42 -12.46 -7.17
CA LEU B 13 22.36 -12.43 -8.29
C LEU B 13 22.87 -11.00 -8.45
N GLU B 14 23.22 -10.54 -9.65
CA GLU B 14 23.81 -9.20 -9.78
C GLU B 14 22.86 -8.14 -9.26
N ARG B 15 23.41 -7.09 -8.68
CA ARG B 15 22.63 -6.01 -8.13
C ARG B 15 22.26 -5.09 -9.28
N ILE B 16 21.12 -4.42 -9.15
CA ILE B 16 20.65 -3.45 -10.13
C ILE B 16 20.16 -2.14 -9.53
N GLY B 17 20.27 -2.00 -8.20
CA GLY B 17 19.82 -0.80 -7.49
C GLY B 17 20.91 0.26 -7.35
N LYS B 18 21.37 0.79 -8.50
CA LYS B 18 22.43 1.83 -8.54
C LYS B 18 21.93 3.28 -8.36
N GLY B 19 20.69 3.56 -8.77
CA GLY B 19 20.12 4.93 -8.75
C GLY B 19 19.57 5.47 -7.43
N SER B 20 18.65 4.73 -6.81
CA SER B 20 17.97 5.11 -5.53
C SER B 20 18.58 4.48 -4.26
N PHE B 21 17.77 4.41 -3.17
CA PHE B 21 18.17 3.88 -1.84
C PHE B 21 19.29 2.83 -1.88
N GLY B 22 19.16 1.88 -2.80
CA GLY B 22 20.09 0.76 -2.91
C GLY B 22 19.45 -0.57 -2.50
N GLU B 23 20.00 -1.66 -3.02
CA GLU B 23 19.58 -3.01 -2.67
C GLU B 23 18.39 -3.52 -3.50
N VAL B 24 18.51 -3.43 -4.82
CA VAL B 24 17.61 -4.17 -5.70
C VAL B 24 18.46 -5.17 -6.49
N PHE B 25 18.12 -6.45 -6.40
CA PHE B 25 18.91 -7.50 -7.04
C PHE B 25 18.08 -8.32 -8.00
N LYS B 26 18.74 -8.76 -9.07
CA LYS B 26 18.23 -9.87 -9.84
C LYS B 26 18.29 -11.07 -8.92
N GLY B 27 17.35 -11.98 -9.04
CA GLY B 27 17.35 -13.17 -8.21
C GLY B 27 16.58 -14.32 -8.80
N ILE B 28 16.67 -15.47 -8.14
CA ILE B 28 16.00 -16.68 -8.57
C ILE B 28 15.17 -17.29 -7.45
N ASP B 29 13.92 -17.64 -7.74
CA ASP B 29 13.13 -18.48 -6.84
C ASP B 29 13.73 -19.89 -6.87
N ASN B 30 14.38 -20.28 -5.78
CA ASN B 30 15.06 -21.57 -5.72
C ASN B 30 14.09 -22.69 -5.92
N ARG B 31 12.84 -22.47 -5.46
CA ARG B 31 11.79 -23.45 -5.57
C ARG B 31 11.44 -23.71 -7.05
N THR B 32 11.27 -22.64 -7.83
CA THR B 32 10.71 -22.78 -9.19
C THR B 32 11.59 -22.31 -10.35
N GLN B 33 12.85 -22.01 -10.10
CA GLN B 33 13.73 -21.45 -11.14
C GLN B 33 13.25 -20.19 -11.88
N GLN B 34 12.14 -19.59 -11.43
CA GLN B 34 11.68 -18.33 -12.00
C GLN B 34 12.55 -17.15 -11.58
N VAL B 35 12.94 -16.33 -12.55
CA VAL B 35 13.79 -15.17 -12.29
C VAL B 35 12.97 -13.97 -11.78
N VAL B 36 13.41 -13.40 -10.66
CA VAL B 36 12.67 -12.33 -10.00
C VAL B 36 13.56 -11.12 -9.75
N ALA B 37 12.93 -9.99 -9.45
CA ALA B 37 13.60 -8.86 -8.82
C ALA B 37 13.38 -8.91 -7.31
N ILE B 38 14.46 -8.73 -6.57
CA ILE B 38 14.41 -8.75 -5.11
C ILE B 38 14.87 -7.40 -4.60
N LYS B 39 14.01 -6.69 -3.88
CA LYS B 39 14.37 -5.45 -3.23
C LYS B 39 14.40 -5.68 -1.76
N ILE B 40 15.55 -5.40 -1.13
CA ILE B 40 15.69 -5.54 0.32
C ILE B 40 15.69 -4.17 1.01
N ILE B 41 14.82 -4.01 2.00
CA ILE B 41 14.70 -2.79 2.76
C ILE B 41 15.11 -3.07 4.20
N ASP B 42 15.84 -2.14 4.82
CA ASP B 42 16.32 -2.36 6.18
C ASP B 42 15.23 -2.37 7.23
N LEU B 43 14.44 -1.31 7.33
CA LEU B 43 13.37 -1.23 8.34
C LEU B 43 13.92 -0.67 9.65
N GLU B 44 15.06 -1.18 10.07
CA GLU B 44 15.78 -0.57 11.17
C GLU B 44 16.20 0.80 10.71
N GLU B 45 17.18 0.86 9.82
CA GLU B 45 17.66 2.13 9.25
C GLU B 45 16.70 2.63 8.18
N ALA B 46 15.46 2.93 8.57
CA ALA B 46 14.41 3.09 7.56
C ALA B 46 14.52 4.38 6.72
N GLU B 47 14.17 5.54 7.30
CA GLU B 47 13.41 5.62 8.54
C GLU B 47 12.05 6.28 8.38
N ASP B 48 11.66 6.48 7.12
CA ASP B 48 10.26 6.71 6.80
C ASP B 48 9.43 5.48 7.19
N GLU B 49 8.54 5.70 8.16
CA GLU B 49 7.75 4.68 8.84
C GLU B 49 7.37 3.43 8.08
N ILE B 50 7.46 2.32 8.80
CA ILE B 50 6.91 1.02 8.44
C ILE B 50 5.61 1.02 7.64
N GLU B 51 4.56 1.66 8.15
CA GLU B 51 3.25 1.67 7.49
C GLU B 51 3.29 2.33 6.10
N ASP B 52 4.23 3.25 5.91
CA ASP B 52 4.46 3.81 4.60
C ASP B 52 4.89 2.71 3.63
N ILE B 53 5.81 1.87 4.06
CA ILE B 53 6.31 0.79 3.22
C ILE B 53 5.21 -0.22 2.96
N GLN B 54 4.44 -0.58 3.98
CA GLN B 54 3.32 -1.48 3.78
C GLN B 54 2.27 -0.86 2.86
N GLN B 55 2.10 0.46 2.94
CA GLN B 55 1.25 1.15 1.97
C GLN B 55 1.71 0.92 0.52
N GLU B 56 3.01 1.07 0.27
CA GLU B 56 3.59 0.81 -1.05
C GLU B 56 3.20 -0.58 -1.54
N ILE B 57 3.27 -1.54 -0.63
CA ILE B 57 2.97 -2.92 -0.95
C ILE B 57 1.48 -3.12 -1.16
N THR B 58 0.68 -2.65 -0.20
CA THR B 58 -0.79 -2.78 -0.32
C THR B 58 -1.20 -2.32 -1.72
N VAL B 59 -0.68 -1.17 -2.12
CA VAL B 59 -1.07 -0.56 -3.35
C VAL B 59 -0.59 -1.40 -4.52
N LEU B 60 0.62 -1.94 -4.42
CA LEU B 60 1.25 -2.65 -5.53
C LEU B 60 0.58 -3.98 -5.77
N SER B 61 0.21 -4.63 -4.67
CA SER B 61 -0.40 -5.95 -4.72
C SER B 61 -1.83 -5.90 -5.23
N GLN B 62 -2.35 -4.68 -5.34
CA GLN B 62 -3.70 -4.46 -5.85
C GLN B 62 -3.76 -4.48 -7.36
N CYS B 63 -2.59 -4.33 -7.98
CA CYS B 63 -2.52 -4.31 -9.42
C CYS B 63 -2.31 -5.70 -9.93
N ASP B 64 -3.13 -6.10 -10.90
CA ASP B 64 -2.90 -7.34 -11.65
C ASP B 64 -3.03 -7.06 -13.13
N SER B 65 -2.16 -6.19 -13.65
CA SER B 65 -2.21 -5.83 -15.06
C SER B 65 -0.94 -6.28 -15.73
N SER B 66 -1.08 -6.84 -16.92
CA SER B 66 0.08 -7.25 -17.70
C SER B 66 0.87 -6.05 -18.21
N TYR B 67 0.48 -4.84 -17.81
CA TYR B 67 1.22 -3.62 -18.18
C TYR B 67 1.85 -2.92 -16.99
N VAL B 68 1.69 -3.50 -15.80
CA VAL B 68 2.38 -3.01 -14.60
C VAL B 68 3.12 -4.20 -14.00
N THR B 69 4.33 -3.98 -13.49
CA THR B 69 5.17 -5.11 -13.06
C THR B 69 4.53 -5.79 -11.84
N LYS B 70 4.41 -7.11 -11.89
CA LYS B 70 3.70 -7.85 -10.83
C LYS B 70 4.46 -7.90 -9.51
N TYR B 71 3.69 -8.06 -8.42
CA TYR B 71 4.24 -8.22 -7.09
C TYR B 71 4.03 -9.64 -6.65
N TYR B 72 5.08 -10.29 -6.19
CA TYR B 72 4.99 -11.68 -5.81
C TYR B 72 4.94 -11.96 -4.30
N GLY B 73 5.18 -10.95 -3.47
CA GLY B 73 5.16 -11.17 -2.03
C GLY B 73 6.42 -10.70 -1.32
N SER B 74 6.44 -10.90 0.00
CA SER B 74 7.47 -10.34 0.85
C SER B 74 7.81 -11.28 1.98
N TYR B 75 9.06 -11.22 2.44
CA TYR B 75 9.52 -12.09 3.54
C TYR B 75 10.42 -11.31 4.50
N LEU B 76 10.23 -11.55 5.78
CA LEU B 76 10.99 -10.82 6.78
C LEU B 76 12.10 -11.69 7.36
N LYS B 77 13.34 -11.27 7.15
CA LYS B 77 14.50 -11.95 7.73
C LYS B 77 15.01 -11.09 8.88
N GLY B 78 14.88 -11.59 10.10
CA GLY B 78 15.17 -10.74 11.25
C GLY B 78 14.48 -9.42 11.03
N SER B 79 15.24 -8.40 10.63
CA SER B 79 14.68 -7.07 10.45
C SER B 79 15.00 -6.45 9.09
N LYS B 80 15.15 -7.27 8.07
CA LYS B 80 15.17 -6.78 6.69
C LYS B 80 13.99 -7.41 5.95
N LEU B 81 13.44 -6.67 5.00
CA LEU B 81 12.28 -7.17 4.29
C LEU B 81 12.61 -7.41 2.83
N TRP B 82 12.44 -8.65 2.38
CA TRP B 82 12.58 -9.00 0.98
C TRP B 82 11.26 -8.82 0.29
N ILE B 83 11.24 -7.97 -0.73
CA ILE B 83 10.06 -7.74 -1.53
C ILE B 83 10.36 -8.34 -2.89
N ILE B 84 9.52 -9.27 -3.33
CA ILE B 84 9.79 -9.94 -4.59
C ILE B 84 8.81 -9.53 -5.66
N MET B 85 9.35 -9.12 -6.81
CA MET B 85 8.54 -8.67 -7.93
C MET B 85 8.96 -9.31 -9.23
N GLU B 86 8.11 -9.17 -10.24
CA GLU B 86 8.37 -9.62 -11.59
C GLU B 86 9.64 -8.98 -12.12
N TYR B 87 10.44 -9.77 -12.83
CA TYR B 87 11.69 -9.31 -13.41
C TYR B 87 11.62 -9.37 -14.92
N LEU B 88 12.00 -8.30 -15.58
CA LEU B 88 11.83 -8.20 -17.03
C LEU B 88 13.18 -8.21 -17.76
N GLY B 89 13.46 -9.32 -18.42
CA GLY B 89 14.81 -9.56 -18.95
C GLY B 89 15.16 -8.97 -20.30
N GLY B 90 14.25 -8.16 -20.85
CA GLY B 90 14.48 -7.45 -22.10
C GLY B 90 15.38 -6.27 -21.75
N GLY B 91 15.01 -5.56 -20.70
CA GLY B 91 15.72 -4.36 -20.28
C GLY B 91 14.79 -3.18 -20.19
N SER B 92 15.32 -2.00 -19.91
CA SER B 92 14.49 -0.81 -19.91
C SER B 92 14.66 -0.14 -21.26
N ALA B 93 13.67 0.65 -21.64
CA ALA B 93 13.77 1.39 -22.88
C ALA B 93 15.02 2.26 -22.84
N LEU B 94 15.31 2.81 -21.67
CA LEU B 94 16.53 3.59 -21.52
C LEU B 94 17.72 2.73 -21.89
N ASP B 95 17.78 1.54 -21.30
CA ASP B 95 18.83 0.59 -21.60
C ASP B 95 18.96 0.35 -23.10
N LEU B 96 17.81 0.11 -23.74
CA LEU B 96 17.79 -0.26 -25.14
C LEU B 96 18.27 0.84 -26.05
N LEU B 97 18.20 2.09 -25.62
CA LEU B 97 18.71 3.17 -26.43
C LEU B 97 20.21 3.15 -26.51
N ARG B 98 20.88 2.51 -25.57
CA ARG B 98 22.36 2.48 -25.63
C ARG B 98 22.86 1.88 -26.96
N ALA B 99 22.01 1.09 -27.61
CA ALA B 99 22.35 0.38 -28.83
C ALA B 99 22.00 1.13 -30.11
N GLY B 100 21.31 2.27 -29.99
CA GLY B 100 20.91 3.10 -31.14
C GLY B 100 19.50 3.64 -31.02
N PRO B 101 19.04 4.48 -31.95
CA PRO B 101 17.75 5.14 -31.83
C PRO B 101 16.58 4.24 -32.18
N PHE B 102 15.38 4.73 -31.92
CA PHE B 102 14.16 3.99 -32.17
C PHE B 102 13.39 4.59 -33.33
N ASP B 103 12.66 3.72 -34.04
CA ASP B 103 11.68 4.12 -35.06
C ASP B 103 10.53 4.85 -34.41
N GLU B 104 9.70 5.53 -35.21
CA GLU B 104 8.47 6.03 -34.65
C GLU B 104 7.55 4.84 -34.39
N PHE B 105 7.67 3.78 -35.19
CA PHE B 105 6.78 2.66 -35.02
C PHE B 105 7.13 2.04 -33.69
N GLN B 106 8.42 1.92 -33.37
CA GLN B 106 8.83 1.35 -32.08
C GLN B 106 8.37 2.19 -30.87
N ILE B 107 8.73 3.46 -30.86
CA ILE B 107 8.21 4.40 -29.90
C ILE B 107 6.71 4.26 -29.72
N ALA B 108 5.94 4.42 -30.78
CA ALA B 108 4.51 4.41 -30.61
C ALA B 108 4.02 3.07 -30.02
N THR B 109 4.60 1.95 -30.47
CA THR B 109 4.28 0.66 -29.87
C THR B 109 4.40 0.72 -28.33
N MET B 110 5.52 1.23 -27.83
CA MET B 110 5.75 1.36 -26.40
C MET B 110 4.72 2.25 -25.71
N LEU B 111 4.64 3.50 -26.13
CA LEU B 111 3.68 4.43 -25.55
C LEU B 111 2.30 3.81 -25.49
N LYS B 112 1.90 3.10 -26.53
CA LYS B 112 0.61 2.42 -26.50
C LYS B 112 0.49 1.53 -25.26
N GLU B 113 1.49 0.72 -24.99
CA GLU B 113 1.43 -0.19 -23.85
C GLU B 113 1.46 0.56 -22.51
N ILE B 114 2.37 1.52 -22.38
CA ILE B 114 2.44 2.34 -21.18
C ILE B 114 1.09 2.99 -20.94
N LEU B 115 0.45 3.45 -22.00
CA LEU B 115 -0.86 4.10 -21.87
C LEU B 115 -1.91 3.15 -21.35
N LYS B 116 -1.80 1.88 -21.69
CA LYS B 116 -2.73 0.87 -21.22
C LYS B 116 -2.50 0.66 -19.75
N GLY B 117 -1.24 0.50 -19.36
CA GLY B 117 -0.86 0.48 -17.96
C GLY B 117 -1.44 1.69 -17.22
N LEU B 118 -1.10 2.88 -17.71
CA LEU B 118 -1.64 4.12 -17.20
C LEU B 118 -3.15 4.14 -17.09
N ASP B 119 -3.84 3.65 -18.11
CA ASP B 119 -5.30 3.64 -18.08
C ASP B 119 -5.78 2.76 -16.94
N TYR B 120 -5.16 1.58 -16.80
CA TYR B 120 -5.51 0.63 -15.75
C TYR B 120 -5.36 1.26 -14.38
N LEU B 121 -4.20 1.89 -14.16
CA LEU B 121 -3.93 2.58 -12.93
C LEU B 121 -4.97 3.66 -12.67
N HIS B 122 -5.10 4.60 -13.60
CA HIS B 122 -6.05 5.70 -13.42
C HIS B 122 -7.46 5.26 -13.07
N SER B 123 -7.86 4.09 -13.53
CA SER B 123 -9.22 3.63 -13.32
C SER B 123 -9.46 3.23 -11.89
N GLU B 124 -8.40 2.76 -11.23
CA GLU B 124 -8.42 2.43 -9.79
C GLU B 124 -8.07 3.63 -8.94
N LYS B 125 -8.21 4.81 -9.50
CA LYS B 125 -7.61 6.00 -8.91
C LYS B 125 -6.23 5.71 -8.27
N LYS B 126 -5.38 5.03 -9.02
CA LYS B 126 -3.95 4.99 -8.75
C LYS B 126 -3.26 5.90 -9.75
N ILE B 127 -1.95 6.11 -9.59
CA ILE B 127 -1.14 6.94 -10.48
C ILE B 127 0.26 6.37 -10.61
N HIS B 128 1.10 6.95 -11.48
CA HIS B 128 2.48 6.48 -11.52
C HIS B 128 3.56 7.33 -10.87
N ARG B 129 3.89 8.49 -11.41
CA ARG B 129 4.80 9.38 -10.64
C ARG B 129 6.29 9.17 -10.82
N ASP B 130 6.71 8.12 -11.51
CA ASP B 130 8.05 8.14 -12.07
C ASP B 130 8.08 7.50 -13.44
N ILE B 131 7.42 8.15 -14.41
CA ILE B 131 7.42 7.67 -15.79
C ILE B 131 8.59 8.27 -16.57
N LYS B 132 9.43 7.39 -17.09
CA LYS B 132 10.67 7.73 -17.77
C LYS B 132 11.20 6.46 -18.44
N ALA B 133 12.06 6.63 -19.45
CA ALA B 133 12.47 5.48 -20.25
C ALA B 133 13.08 4.38 -19.40
N ALA B 134 13.65 4.79 -18.25
CA ALA B 134 14.25 3.89 -17.28
C ALA B 134 13.21 3.02 -16.64
N ASN B 135 11.98 3.50 -16.60
CA ASN B 135 10.89 2.74 -16.00
C ASN B 135 9.93 2.20 -17.04
N VAL B 136 10.34 2.23 -18.29
CA VAL B 136 9.61 1.53 -19.35
C VAL B 136 10.32 0.19 -19.54
N LEU B 137 9.72 -0.87 -19.01
CA LEU B 137 10.42 -2.15 -18.89
C LEU B 137 9.97 -3.18 -19.89
N LEU B 138 10.90 -3.99 -20.39
CA LEU B 138 10.53 -5.00 -21.41
C LEU B 138 10.88 -6.45 -21.08
N SER B 139 9.97 -7.37 -21.43
CA SER B 139 10.22 -8.82 -21.35
C SER B 139 11.11 -9.19 -22.52
N GLU B 140 11.61 -10.42 -22.55
CA GLU B 140 12.49 -10.83 -23.66
C GLU B 140 11.71 -11.11 -24.93
N GLN B 141 10.39 -11.28 -24.79
CA GLN B 141 9.50 -11.44 -25.95
C GLN B 141 8.81 -10.14 -26.37
N GLY B 142 9.26 -9.01 -25.81
CA GLY B 142 8.84 -7.70 -26.31
C GLY B 142 7.69 -7.02 -25.58
N ASP B 143 7.22 -7.65 -24.51
CA ASP B 143 6.15 -7.07 -23.71
C ASP B 143 6.65 -5.83 -23.01
N VAL B 144 5.73 -4.90 -22.80
CA VAL B 144 6.10 -3.59 -22.26
C VAL B 144 5.27 -3.28 -21.06
N LYS B 145 5.92 -2.90 -19.96
CA LYS B 145 5.22 -2.54 -18.74
C LYS B 145 5.92 -1.51 -17.89
N LEU B 146 5.14 -0.80 -17.08
CA LEU B 146 5.68 0.23 -16.20
C LEU B 146 6.41 -0.41 -15.04
N ALA B 147 7.48 0.25 -14.60
CA ALA B 147 8.18 -0.17 -13.38
C ALA B 147 7.22 -0.10 -12.21
N ALA B 148 7.43 -0.96 -11.22
CA ALA B 148 6.65 -0.91 -10.01
C ALA B 148 7.08 0.28 -9.16
N PHE B 149 8.33 0.72 -9.35
CA PHE B 149 8.85 1.87 -8.60
C PHE B 149 7.88 3.05 -8.40
N GLY B 150 7.31 3.57 -9.47
CA GLY B 150 6.43 4.74 -9.30
C GLY B 150 5.02 4.54 -8.72
N VAL B 151 4.56 3.30 -8.60
CA VAL B 151 3.12 3.06 -8.38
C VAL B 151 2.60 3.62 -7.04
N ALA B 152 1.47 4.35 -7.07
CA ALA B 152 0.98 5.05 -5.89
C ALA B 152 -0.54 5.30 -5.86
N GLY B 153 -1.07 5.58 -4.66
CA GLY B 153 -2.49 5.89 -4.49
C GLY B 153 -2.80 7.33 -4.83
N GLN B 154 -4.02 7.58 -5.30
CA GLN B 154 -4.43 8.89 -5.84
C GLN B 154 -4.32 10.04 -4.83
N LEU B 155 -4.43 9.73 -3.53
CA LEU B 155 -4.29 10.73 -2.47
C LEU B 155 -3.12 10.40 -1.53
N THR B 156 -1.92 10.26 -2.11
CA THR B 156 -0.69 9.95 -1.38
C THR B 156 0.44 10.87 -1.89
N ASP B 157 1.13 11.54 -0.96
CA ASP B 157 2.28 12.38 -1.34
C ASP B 157 3.61 11.60 -1.32
N THR B 158 4.01 11.14 -2.51
CA THR B 158 5.17 10.26 -2.71
C THR B 158 6.52 10.99 -2.66
N GLN B 159 6.46 12.31 -2.65
CA GLN B 159 7.66 13.15 -2.75
C GLN B 159 8.24 13.50 -1.37
N ILE B 160 7.38 13.50 -0.36
CA ILE B 160 7.75 13.78 1.05
C ILE B 160 8.65 12.67 1.61
N LYS B 161 8.31 11.44 1.25
CA LYS B 161 8.93 10.27 1.85
C LYS B 161 10.21 9.91 1.11
N ARG B 162 11.24 9.54 1.89
CA ARG B 162 12.39 8.80 1.36
C ARG B 162 11.86 7.52 0.73
N ASN B 163 12.68 6.81 -0.01
CA ASN B 163 12.28 5.49 -0.54
C ASN B 163 11.22 5.57 -1.66
N THR B 164 10.63 6.74 -1.88
CA THR B 164 9.69 6.94 -2.99
C THR B 164 9.98 8.16 -3.87
N PHE B 165 10.63 9.17 -3.29
CA PHE B 165 10.83 10.47 -3.96
C PHE B 165 11.63 10.39 -5.27
N VAL B 166 11.33 11.30 -6.18
CA VAL B 166 12.07 11.39 -7.44
C VAL B 166 13.19 12.41 -7.20
N GLY B 167 14.42 12.06 -7.56
CA GLY B 167 15.55 12.91 -7.27
C GLY B 167 15.96 13.84 -8.39
N THR B 168 15.14 13.97 -9.44
CA THR B 168 15.41 14.86 -10.59
C THR B 168 14.12 15.49 -11.10
N PRO B 169 14.15 16.80 -11.39
CA PRO B 169 12.90 17.48 -11.77
C PRO B 169 12.49 17.36 -13.25
N PHE B 170 13.31 16.73 -14.09
CA PHE B 170 13.14 16.72 -15.56
C PHE B 170 11.79 16.23 -16.08
N TRP B 171 11.27 15.14 -15.54
CA TRP B 171 9.97 14.61 -15.98
C TRP B 171 8.77 15.14 -15.23
N MET B 172 8.97 16.12 -14.35
CA MET B 172 7.92 16.59 -13.46
C MET B 172 7.04 17.67 -14.06
N ALA B 173 5.73 17.56 -13.85
CA ALA B 173 4.78 18.57 -14.34
C ALA B 173 4.85 19.89 -13.57
N PRO B 174 4.55 21.01 -14.25
CA PRO B 174 4.69 22.28 -13.56
C PRO B 174 3.79 22.42 -12.33
N GLU B 175 2.59 21.88 -12.35
CA GLU B 175 1.69 21.99 -11.19
C GLU B 175 2.20 21.20 -9.98
N VAL B 176 2.97 20.13 -10.26
CA VAL B 176 3.65 19.35 -9.21
C VAL B 176 4.80 20.15 -8.60
N ILE B 177 5.62 20.76 -9.45
CA ILE B 177 6.73 21.58 -9.02
C ILE B 177 6.22 22.75 -8.17
N GLN B 178 5.05 23.27 -8.53
CA GLN B 178 4.45 24.34 -7.76
C GLN B 178 3.76 23.88 -6.50
N GLN B 179 3.84 22.58 -6.22
CA GLN B 179 3.33 21.97 -4.99
C GLN B 179 1.82 21.93 -4.94
N SER B 180 1.15 22.59 -5.88
CA SER B 180 -0.30 22.72 -5.83
C SER B 180 -1.04 21.39 -6.09
N ALA B 181 -2.38 21.48 -6.08
CA ALA B 181 -3.28 20.35 -6.32
C ALA B 181 -2.90 19.67 -7.62
N TYR B 182 -2.72 18.35 -7.59
CA TYR B 182 -2.34 17.62 -8.79
C TYR B 182 -2.85 16.18 -8.78
N ASP B 183 -3.23 15.67 -9.96
CA ASP B 183 -3.76 14.31 -10.06
C ASP B 183 -3.05 13.45 -11.11
N SER B 184 -3.81 12.61 -11.80
CA SER B 184 -3.27 11.74 -12.87
C SER B 184 -2.86 12.52 -14.11
N LYS B 185 -3.43 13.70 -14.32
CA LYS B 185 -3.00 14.53 -15.43
C LYS B 185 -1.49 14.84 -15.40
N ALA B 186 -0.88 14.67 -14.23
CA ALA B 186 0.53 14.95 -14.10
C ALA B 186 1.33 13.81 -14.72
N ASP B 187 0.74 12.61 -14.75
CA ASP B 187 1.40 11.45 -15.33
C ASP B 187 1.45 11.63 -16.82
N ILE B 188 0.36 12.15 -17.35
CA ILE B 188 0.25 12.48 -18.75
C ILE B 188 1.38 13.42 -19.16
N TRP B 189 1.65 14.45 -18.36
CA TRP B 189 2.79 15.29 -18.58
C TRP B 189 4.08 14.52 -18.61
N SER B 190 4.32 13.71 -17.59
CA SER B 190 5.53 12.89 -17.58
C SER B 190 5.67 12.02 -18.83
N LEU B 191 4.53 11.55 -19.33
CA LEU B 191 4.49 10.75 -20.53
C LEU B 191 5.04 11.54 -21.74
N GLY B 192 4.53 12.76 -21.91
CA GLY B 192 5.03 13.68 -22.91
C GLY B 192 6.54 13.80 -22.82
N ILE B 193 7.08 13.94 -21.62
CA ILE B 193 8.54 14.02 -21.47
C ILE B 193 9.19 12.71 -21.93
N THR B 194 8.69 11.60 -21.37
CA THR B 194 9.19 10.29 -21.77
C THR B 194 9.26 10.23 -23.27
N ALA B 195 8.15 10.54 -23.94
CA ALA B 195 8.11 10.56 -25.42
C ALA B 195 9.29 11.34 -26.02
N ILE B 196 9.46 12.60 -25.65
CA ILE B 196 10.64 13.36 -26.12
C ILE B 196 11.90 12.56 -25.83
N GLU B 197 11.96 11.92 -24.67
CA GLU B 197 13.16 11.19 -24.23
C GLU B 197 13.43 9.98 -25.12
N LEU B 198 12.36 9.30 -25.53
CA LEU B 198 12.49 8.14 -26.37
C LEU B 198 12.95 8.55 -27.77
N ALA B 199 12.56 9.74 -28.19
CA ALA B 199 12.90 10.22 -29.51
C ALA B 199 14.28 10.87 -29.52
N LYS B 200 14.68 11.48 -28.42
CA LYS B 200 15.90 12.28 -28.43
C LYS B 200 17.01 11.69 -27.59
N GLY B 201 16.71 10.67 -26.78
CA GLY B 201 17.71 10.00 -25.96
C GLY B 201 17.87 10.57 -24.56
N GLU B 202 17.40 11.79 -24.36
CA GLU B 202 17.44 12.46 -23.06
C GLU B 202 16.29 13.46 -22.99
N PRO B 203 15.90 13.90 -21.78
CA PRO B 203 14.69 14.74 -21.65
C PRO B 203 14.99 16.22 -21.88
N PRO B 204 13.95 17.05 -22.04
CA PRO B 204 14.23 18.48 -22.27
C PRO B 204 15.09 19.09 -21.19
N ASN B 205 16.16 19.77 -21.59
CA ASN B 205 17.08 20.42 -20.66
C ASN B 205 17.96 19.56 -19.77
N SER B 206 18.22 18.31 -20.16
CA SER B 206 19.17 17.44 -19.46
C SER B 206 20.47 18.10 -19.08
N ASP B 207 21.02 18.90 -19.98
CA ASP B 207 22.30 19.58 -19.77
C ASP B 207 22.27 20.66 -18.68
N MET B 208 21.08 21.02 -18.19
CA MET B 208 20.93 22.07 -17.21
C MET B 208 20.92 21.57 -15.77
N HIS B 209 21.36 22.47 -14.88
CA HIS B 209 21.36 22.25 -13.45
C HIS B 209 19.96 22.10 -12.95
N PRO B 210 19.68 21.04 -12.19
CA PRO B 210 18.30 20.77 -11.72
C PRO B 210 17.61 21.96 -11.02
N MET B 211 18.37 22.78 -10.32
CA MET B 211 17.81 23.97 -9.70
C MET B 211 17.36 25.07 -10.66
N ARG B 212 17.94 25.14 -11.87
CA ARG B 212 17.51 26.15 -12.84
C ARG B 212 16.25 25.55 -13.43
N VAL B 213 16.30 24.24 -13.64
CA VAL B 213 15.24 23.55 -14.35
C VAL B 213 13.92 23.78 -13.65
N LEU B 214 13.83 23.35 -12.39
CA LEU B 214 12.64 23.52 -11.59
C LEU B 214 11.98 24.88 -11.73
N PHE B 215 12.76 25.93 -11.93
CA PHE B 215 12.16 27.24 -12.00
C PHE B 215 11.80 27.66 -13.44
N LEU B 216 12.23 26.87 -14.42
CA LEU B 216 11.85 27.13 -15.80
C LEU B 216 10.58 26.37 -16.18
N ILE B 217 10.49 25.14 -15.69
CA ILE B 217 9.38 24.26 -16.01
C ILE B 217 8.04 24.93 -15.76
N PRO B 218 7.89 25.71 -14.67
CA PRO B 218 6.66 26.51 -14.62
C PRO B 218 6.65 27.76 -15.50
N LYS B 219 7.77 28.51 -15.55
CA LYS B 219 7.79 29.81 -16.22
C LYS B 219 7.72 29.73 -17.74
N ASN B 220 8.64 28.95 -18.34
CA ASN B 220 8.76 28.81 -19.79
C ASN B 220 7.57 28.18 -20.47
N ASN B 221 7.54 28.30 -21.80
CA ASN B 221 6.67 27.50 -22.64
C ASN B 221 7.08 26.05 -22.51
N PRO B 222 6.12 25.10 -22.71
CA PRO B 222 6.36 23.66 -22.61
C PRO B 222 7.38 23.18 -23.63
N PRO B 223 8.05 22.05 -23.36
CA PRO B 223 8.98 21.58 -24.37
C PRO B 223 8.23 21.00 -25.55
N THR B 224 8.93 20.86 -26.68
CA THR B 224 8.31 20.36 -27.89
C THR B 224 9.19 19.32 -28.57
N LEU B 225 8.61 18.53 -29.46
CA LEU B 225 9.47 17.63 -30.24
C LEU B 225 9.96 18.36 -31.47
N VAL B 226 11.22 18.13 -31.80
CA VAL B 226 11.92 18.94 -32.77
C VAL B 226 12.85 18.11 -33.67
N GLY B 227 12.72 18.28 -34.97
CA GLY B 227 13.57 17.59 -35.93
C GLY B 227 12.75 16.62 -36.74
N ASP B 228 13.41 15.57 -37.21
CA ASP B 228 12.88 14.66 -38.21
C ASP B 228 11.86 13.66 -37.69
N PHE B 229 10.75 14.20 -37.20
CA PHE B 229 9.68 13.38 -36.66
C PHE B 229 8.37 13.81 -37.32
N THR B 230 7.41 12.91 -37.44
CA THR B 230 6.16 13.26 -38.11
C THR B 230 5.34 14.30 -37.32
N LYS B 231 4.52 15.08 -38.02
CA LYS B 231 3.64 16.01 -37.33
C LYS B 231 2.79 15.33 -36.23
N SER B 232 2.14 14.22 -36.54
CA SER B 232 1.28 13.58 -35.53
C SER B 232 2.04 13.18 -34.24
N PHE B 233 3.31 12.82 -34.40
CA PHE B 233 4.18 12.57 -33.24
C PHE B 233 4.32 13.86 -32.44
N LYS B 234 4.84 14.91 -33.07
CA LYS B 234 4.91 16.20 -32.43
C LYS B 234 3.57 16.62 -31.82
N GLU B 235 2.47 16.26 -32.47
CA GLU B 235 1.16 16.66 -31.99
C GLU B 235 0.78 15.92 -30.75
N PHE B 236 1.11 14.64 -30.70
CA PHE B 236 0.92 13.83 -29.51
C PHE B 236 1.65 14.47 -28.30
N ILE B 237 2.85 14.97 -28.54
CA ILE B 237 3.63 15.50 -27.47
C ILE B 237 3.13 16.85 -27.00
N ASP B 238 2.55 17.64 -27.89
CA ASP B 238 1.90 18.86 -27.41
C ASP B 238 0.66 18.54 -26.61
N ALA B 239 -0.08 17.52 -27.01
CA ALA B 239 -1.26 17.10 -26.29
C ALA B 239 -0.88 16.89 -24.83
N CYS B 240 0.20 16.13 -24.62
CA CYS B 240 0.60 15.77 -23.29
C CYS B 240 1.15 16.95 -22.53
N LEU B 241 1.96 17.76 -23.19
CA LEU B 241 2.71 18.80 -22.47
C LEU B 241 1.98 20.13 -22.38
N ASN B 242 0.69 20.12 -22.09
CA ASN B 242 0.02 21.40 -21.90
C ASN B 242 0.27 21.89 -20.49
N LYS B 243 0.55 23.18 -20.34
CA LYS B 243 0.84 23.71 -19.01
C LYS B 243 -0.39 23.62 -18.15
N ASP B 244 -1.56 23.65 -18.78
CA ASP B 244 -2.81 23.48 -18.06
C ASP B 244 -3.24 22.00 -18.00
N PRO B 245 -3.16 21.39 -16.80
CA PRO B 245 -3.57 20.00 -16.59
C PRO B 245 -4.91 19.68 -17.23
N SER B 246 -5.86 20.59 -17.11
CA SER B 246 -7.18 20.38 -17.64
C SER B 246 -7.16 20.12 -19.16
N PHE B 247 -6.30 20.82 -19.89
CA PHE B 247 -6.25 20.66 -21.35
C PHE B 247 -5.45 19.43 -21.80
N ARG B 248 -5.15 18.53 -20.87
CA ARG B 248 -4.44 17.31 -21.26
C ARG B 248 -5.45 16.20 -21.42
N PRO B 249 -5.32 15.44 -22.49
CA PRO B 249 -6.21 14.30 -22.69
C PRO B 249 -6.00 13.26 -21.60
N THR B 250 -7.04 12.50 -21.28
CA THR B 250 -6.91 11.35 -20.42
C THR B 250 -6.04 10.32 -21.12
N ALA B 251 -5.69 9.22 -20.48
CA ALA B 251 -4.93 8.19 -21.20
C ALA B 251 -5.83 7.53 -22.22
N LYS B 252 -7.08 7.24 -21.85
CA LYS B 252 -8.02 6.60 -22.75
C LYS B 252 -8.09 7.32 -24.09
N GLU B 253 -8.09 8.65 -24.04
CA GLU B 253 -8.16 9.49 -25.22
C GLU B 253 -6.89 9.40 -26.03
N LEU B 254 -5.74 9.46 -25.37
CA LEU B 254 -4.45 9.32 -26.06
C LEU B 254 -4.33 7.96 -26.74
N LEU B 255 -4.98 6.96 -26.16
CA LEU B 255 -4.91 5.62 -26.69
C LEU B 255 -5.37 5.60 -28.13
N LYS B 256 -6.19 6.56 -28.53
CA LYS B 256 -6.67 6.67 -29.91
C LYS B 256 -6.32 7.99 -30.57
N HIS B 257 -5.15 8.52 -30.24
CA HIS B 257 -4.57 9.63 -30.95
C HIS B 257 -4.09 9.10 -32.29
N LYS B 258 -4.04 9.98 -33.31
CA LYS B 258 -3.55 9.56 -34.64
C LYS B 258 -2.17 8.97 -34.56
N PHE B 259 -1.29 9.60 -33.78
CA PHE B 259 0.11 9.15 -33.73
C PHE B 259 0.19 7.70 -33.28
N ILE B 260 -0.66 7.33 -32.32
CA ILE B 260 -0.65 5.95 -31.83
C ILE B 260 -1.26 5.03 -32.86
N VAL B 261 -2.44 5.43 -33.37
CA VAL B 261 -3.20 4.59 -34.28
C VAL B 261 -2.47 4.33 -35.60
N LYS B 262 -1.83 5.37 -36.13
CA LYS B 262 -1.12 5.21 -37.37
C LYS B 262 0.12 4.36 -37.17
N ASN B 263 0.75 4.51 -36.01
CA ASN B 263 2.13 4.14 -35.87
C ASN B 263 2.45 2.92 -35.04
N SER B 264 1.62 2.63 -34.05
CA SER B 264 1.87 1.48 -33.21
C SER B 264 1.82 0.16 -34.03
N LYS B 265 2.46 -0.87 -33.52
CA LYS B 265 2.49 -2.13 -34.22
C LYS B 265 2.44 -3.29 -33.24
N LYS B 266 2.56 -4.50 -33.79
CA LYS B 266 2.56 -5.71 -33.00
C LYS B 266 3.70 -5.60 -32.00
N THR B 267 3.41 -5.92 -30.76
CA THR B 267 4.34 -5.73 -29.68
C THR B 267 5.54 -6.66 -29.84
N SER B 268 5.35 -7.74 -30.59
CA SER B 268 6.43 -8.69 -30.80
C SER B 268 7.58 -8.04 -31.57
N TYR B 269 7.25 -7.15 -32.49
CA TYR B 269 8.26 -6.54 -33.36
C TYR B 269 9.39 -5.90 -32.53
N LEU B 270 9.09 -5.59 -31.27
CA LEU B 270 10.04 -4.98 -30.36
C LEU B 270 11.20 -5.89 -29.97
N THR B 271 11.10 -7.18 -30.29
CA THR B 271 12.18 -8.08 -29.93
C THR B 271 13.39 -7.82 -30.80
N GLU B 272 13.20 -7.08 -31.89
CA GLU B 272 14.33 -6.69 -32.73
C GLU B 272 15.24 -5.74 -31.95
N LEU B 273 14.64 -4.93 -31.10
CA LEU B 273 15.36 -4.06 -30.18
C LEU B 273 16.14 -4.86 -29.13
N ILE B 274 15.43 -5.71 -28.39
CA ILE B 274 16.06 -6.66 -27.50
C ILE B 274 17.23 -7.37 -28.19
N ASP B 275 16.98 -7.96 -29.36
CA ASP B 275 18.06 -8.55 -30.16
C ASP B 275 19.21 -7.59 -30.49
N ARG B 276 18.89 -6.42 -31.01
CA ARG B 276 19.93 -5.45 -31.37
C ARG B 276 20.83 -5.19 -30.15
N PHE B 277 20.19 -5.06 -28.99
CA PHE B 277 20.88 -4.77 -27.75
C PHE B 277 21.82 -5.90 -27.35
N LYS B 278 21.30 -7.12 -27.29
CA LYS B 278 22.11 -8.30 -27.02
C LYS B 278 23.34 -8.32 -27.91
N ARG B 279 23.14 -8.15 -29.21
CA ARG B 279 24.22 -8.09 -30.19
C ARG B 279 25.22 -6.96 -29.86
N TRP B 280 24.70 -5.84 -29.39
CA TRP B 280 25.50 -4.62 -29.13
C TRP B 280 26.44 -4.71 -27.96
N LYS B 281 25.98 -5.29 -26.86
CA LYS B 281 26.73 -5.18 -25.60
C LYS B 281 27.82 -6.20 -25.43
N ALA B 282 28.76 -5.86 -24.55
CA ALA B 282 29.99 -6.61 -24.38
C ALA B 282 29.93 -7.72 -23.32
N GLU B 283 30.77 -8.75 -23.54
CA GLU B 283 30.89 -10.00 -22.73
C GLU B 283 30.07 -11.17 -23.30
#